data_7CCG
#
_entry.id   7CCG
#
_cell.length_a   96.511
_cell.length_b   96.511
_cell.length_c   76.026
_cell.angle_alpha   90.000
_cell.angle_beta   90.000
_cell.angle_gamma   120.000
#
_symmetry.space_group_name_H-M   'H 3'
#
loop_
_entity.id
_entity.type
_entity.pdbx_description
1 polymer 'DNA-directed RNA polymerase subunit delta'
2 non-polymer METHIONINE
3 non-polymer "5'-CHLORO-5'-DEOXYADENOSINE"
4 water water
#
_entity_poly.entity_id   1
_entity_poly.type   'polypeptide(L)'
_entity_poly.pdbx_seq_one_letter_code
;MDKPIIAYLSDIGNHDEAHALGKGLIKTIAPGAEIVDITHQVTPFDVREGGLYLQDVPASFPANTVIAAYVYPETGTSTR
TVVVRNEKGQLLVAPNNGLLTWALKAVPAVEAWEVTSPDVMNQPVTPTWYGKDVVVACGAHLAAGVAPSAVGPKIDVAKL
VTLPTTPAVQLGDGSVRGEVVRIDKAFGNVWTNISLDALSGGGALDGKTLQVTAEGLSVEIPYYATFGEVPIGEPLVYNN
SRGKVALGLNQGSFLERYGVAAGDTVTIGLV
;
_entity_poly.pdbx_strand_id   A
#
# COMPACT_ATOMS: atom_id res chain seq x y z
N PRO A 4 -0.87 17.32 -14.30
CA PRO A 4 -1.06 15.93 -13.89
C PRO A 4 0.12 15.39 -13.10
N ILE A 5 -0.16 14.64 -12.04
CA ILE A 5 0.85 14.04 -11.18
C ILE A 5 0.86 12.54 -11.38
N ILE A 6 2.06 11.98 -11.55
CA ILE A 6 2.27 10.54 -11.55
C ILE A 6 2.94 10.17 -10.23
N ALA A 7 2.26 9.36 -9.43
CA ALA A 7 2.81 8.82 -8.21
C ALA A 7 3.32 7.41 -8.47
N TYR A 8 4.60 7.17 -8.19
CA TYR A 8 5.36 6.07 -8.79
C TYR A 8 5.92 5.16 -7.70
N LEU A 9 5.59 3.87 -7.74
CA LEU A 9 6.10 2.89 -6.78
C LEU A 9 6.57 1.64 -7.53
N SER A 10 7.63 1.02 -7.02
CA SER A 10 8.13 -0.24 -7.55
C SER A 10 8.90 -0.93 -6.44
N ASP A 11 9.46 -2.09 -6.78
CA ASP A 11 10.38 -2.84 -5.94
C ASP A 11 11.78 -2.89 -6.56
N ILE A 12 12.08 -1.98 -7.48
CA ILE A 12 13.35 -2.03 -8.22
C ILE A 12 14.49 -1.35 -7.49
N GLY A 13 14.20 -0.63 -6.41
CA GLY A 13 15.26 0.08 -5.68
C GLY A 13 15.58 1.43 -6.28
N ASN A 14 16.22 2.27 -5.44
CA ASN A 14 16.67 3.59 -5.85
C ASN A 14 18.21 3.69 -5.91
N HIS A 15 18.92 2.55 -5.81
CA HIS A 15 20.37 2.44 -5.69
C HIS A 15 21.10 2.41 -7.05
N ASP A 16 20.36 2.36 -8.17
CA ASP A 16 20.94 2.44 -9.51
C ASP A 16 19.95 3.09 -10.45
N GLU A 17 20.28 3.04 -11.75
CA GLU A 17 19.53 3.86 -12.70
C GLU A 17 18.15 3.30 -13.07
N ALA A 18 17.84 2.05 -12.72
CA ALA A 18 16.66 1.39 -13.27
C ALA A 18 15.38 2.20 -13.05
N HIS A 19 15.11 2.58 -11.79
CA HIS A 19 13.90 3.35 -11.45
C HIS A 19 13.86 4.66 -12.22
N ALA A 20 15.04 5.25 -12.45
CA ALA A 20 15.11 6.52 -13.17
C ALA A 20 14.86 6.36 -14.66
N LEU A 21 15.22 5.22 -15.25
CA LEU A 21 14.91 5.00 -16.66
C LEU A 21 13.39 5.06 -16.89
N GLY A 22 12.60 4.61 -15.91
CA GLY A 22 11.16 4.83 -15.98
C GLY A 22 10.83 6.31 -16.01
N LYS A 23 11.54 7.11 -15.21
CA LYS A 23 11.30 8.54 -15.19
C LYS A 23 11.64 9.15 -16.54
N GLY A 24 12.74 8.72 -17.13
CA GLY A 24 13.04 9.15 -18.48
C GLY A 24 11.92 8.84 -19.46
N LEU A 25 11.34 7.65 -19.34
CA LEU A 25 10.24 7.28 -20.23
C LEU A 25 9.02 8.17 -19.99
N ILE A 26 8.74 8.48 -18.72
CA ILE A 26 7.62 9.35 -18.40
C ILE A 26 7.81 10.72 -19.09
N LYS A 27 8.99 11.30 -18.93
CA LYS A 27 9.26 12.60 -19.52
C LYS A 27 9.18 12.57 -21.04
N THR A 28 9.56 11.44 -21.66
CA THR A 28 9.47 11.31 -23.11
C THR A 28 8.02 11.28 -23.57
N ILE A 29 7.16 10.60 -22.81
CA ILE A 29 5.77 10.47 -23.22
C ILE A 29 4.94 11.65 -22.72
N ALA A 30 5.22 12.14 -21.51
CA ALA A 30 4.42 13.18 -20.85
C ALA A 30 5.37 14.19 -20.22
N PRO A 31 6.05 15.01 -21.02
CA PRO A 31 6.99 15.97 -20.43
C PRO A 31 6.36 16.86 -19.38
N GLY A 32 5.06 17.10 -19.43
CA GLY A 32 4.49 17.98 -18.45
C GLY A 32 4.07 17.32 -17.17
N ALA A 33 4.25 16.00 -17.05
CA ALA A 33 3.83 15.31 -15.86
C ALA A 33 4.81 15.53 -14.72
N GLU A 34 4.31 15.82 -13.55
CA GLU A 34 5.15 15.91 -12.37
C GLU A 34 5.25 14.52 -11.76
N ILE A 35 6.48 14.05 -11.58
CA ILE A 35 6.74 12.72 -11.03
C ILE A 35 6.99 12.86 -9.53
N VAL A 36 6.24 12.11 -8.75
CA VAL A 36 6.40 12.04 -7.32
C VAL A 36 6.59 10.57 -6.95
N ASP A 37 7.77 10.23 -6.45
CA ASP A 37 8.00 8.86 -5.99
C ASP A 37 7.13 8.56 -4.79
N ILE A 38 6.63 7.33 -4.73
CA ILE A 38 6.09 6.84 -3.47
C ILE A 38 7.25 6.19 -2.73
N THR A 39 7.67 5.00 -3.18
CA THR A 39 8.96 4.44 -2.83
C THR A 39 9.31 3.44 -3.93
N HIS A 40 10.59 3.17 -4.05
CA HIS A 40 11.06 2.06 -4.87
C HIS A 40 11.73 0.99 -4.02
N GLN A 41 11.60 1.10 -2.69
CA GLN A 41 12.25 0.13 -1.82
C GLN A 41 11.30 -0.95 -1.33
N VAL A 42 10.16 -1.16 -2.00
CA VAL A 42 9.37 -2.34 -1.65
C VAL A 42 10.28 -3.57 -1.68
N THR A 43 10.04 -4.49 -0.76
CA THR A 43 10.80 -5.73 -0.72
C THR A 43 10.65 -6.46 -2.04
N PRO A 44 11.73 -6.98 -2.63
CA PRO A 44 11.64 -7.60 -3.95
C PRO A 44 10.60 -8.69 -3.98
N PHE A 45 9.73 -8.61 -4.99
CA PHE A 45 8.67 -9.56 -5.26
C PHE A 45 7.50 -9.50 -4.27
N ASP A 46 7.47 -8.55 -3.33
CA ASP A 46 6.51 -8.59 -2.21
C ASP A 46 5.32 -7.69 -2.58
N VAL A 47 4.38 -8.31 -3.30
CA VAL A 47 3.16 -7.64 -3.74
C VAL A 47 2.35 -7.15 -2.55
N ARG A 48 2.30 -7.95 -1.48
CA ARG A 48 1.52 -7.54 -0.32
C ARG A 48 2.11 -6.29 0.32
N GLU A 49 3.42 -6.26 0.56
CA GLU A 49 4.05 -5.06 1.13
C GLU A 49 3.82 -3.83 0.24
N GLY A 50 4.04 -3.99 -1.08
CA GLY A 50 3.73 -2.92 -2.00
C GLY A 50 2.31 -2.42 -1.90
N GLY A 51 1.33 -3.33 -1.87
CA GLY A 51 -0.04 -2.89 -1.83
C GLY A 51 -0.39 -2.18 -0.52
N LEU A 52 0.13 -2.67 0.59
CA LEU A 52 -0.06 -1.97 1.86
C LEU A 52 0.50 -0.56 1.79
N TYR A 53 1.66 -0.39 1.15
CA TYR A 53 2.24 0.93 1.02
C TYR A 53 1.33 1.85 0.23
N LEU A 54 0.56 1.29 -0.72
CA LEU A 54 -0.29 2.12 -1.57
C LEU A 54 -1.63 2.51 -0.93
N GLN A 55 -1.97 1.97 0.24
CA GLN A 55 -3.34 2.08 0.74
C GLN A 55 -3.75 3.53 0.94
N ASP A 56 -2.89 4.32 1.58
CA ASP A 56 -3.20 5.70 1.93
C ASP A 56 -2.77 6.69 0.85
N VAL A 57 -2.28 6.23 -0.29
CA VAL A 57 -1.82 7.17 -1.31
C VAL A 57 -3.04 7.87 -1.92
N PRO A 58 -4.11 7.19 -2.33
CA PRO A 58 -5.25 7.91 -2.93
C PRO A 58 -5.79 9.08 -2.10
N ALA A 59 -6.01 8.90 -0.80
CA ALA A 59 -6.52 10.00 0.03
C ALA A 59 -5.54 11.17 0.10
N SER A 60 -4.22 10.92 0.05
CA SER A 60 -3.27 12.02 0.23
C SER A 60 -3.00 12.80 -1.04
N PHE A 61 -3.17 12.21 -2.21
CA PHE A 61 -2.81 12.86 -3.45
C PHE A 61 -4.01 13.53 -4.08
N PRO A 62 -3.75 14.54 -4.91
CA PRO A 62 -4.83 15.23 -5.61
C PRO A 62 -5.64 14.27 -6.47
N ALA A 63 -6.87 14.71 -6.81
CA ALA A 63 -7.69 13.87 -7.67
C ALA A 63 -7.08 13.71 -9.05
N ASN A 64 -6.31 14.70 -9.53
N ASN A 64 -6.30 14.69 -9.53
CA ASN A 64 -5.65 14.61 -10.84
CA ASN A 64 -5.68 14.56 -10.85
C ASN A 64 -4.29 13.91 -10.71
C ASN A 64 -4.31 13.88 -10.75
N THR A 65 -4.29 12.73 -10.09
CA THR A 65 -3.09 11.91 -9.92
C THR A 65 -3.27 10.57 -10.63
N VAL A 66 -2.23 10.16 -11.35
CA VAL A 66 -2.10 8.79 -11.85
C VAL A 66 -1.14 8.05 -10.95
N ILE A 67 -1.63 7.00 -10.28
CA ILE A 67 -0.80 6.16 -9.42
C ILE A 67 -0.24 5.04 -10.30
N ALA A 68 1.05 5.08 -10.64
CA ALA A 68 1.68 4.03 -11.44
C ALA A 68 2.55 3.18 -10.51
N ALA A 69 2.22 1.91 -10.37
CA ALA A 69 2.84 1.06 -9.34
C ALA A 69 3.05 -0.37 -9.84
N TYR A 70 4.24 -0.89 -9.59
CA TYR A 70 4.47 -2.29 -9.94
C TYR A 70 5.45 -3.00 -9.02
N VAL A 71 5.05 -4.21 -8.66
CA VAL A 71 5.87 -5.24 -8.05
C VAL A 71 5.45 -6.42 -8.91
N TYR A 72 6.27 -6.80 -9.86
CA TYR A 72 5.75 -7.51 -11.03
C TYR A 72 6.57 -8.74 -11.35
N PRO A 73 6.67 -9.68 -10.40
CA PRO A 73 7.44 -10.91 -10.67
C PRO A 73 6.78 -11.78 -11.75
N GLU A 74 5.58 -11.41 -12.20
CA GLU A 74 4.85 -12.05 -13.28
C GLU A 74 5.12 -11.42 -14.63
N THR A 75 6.02 -10.41 -14.67
CA THR A 75 6.32 -9.67 -15.89
C THR A 75 6.62 -10.64 -17.01
N GLY A 76 6.05 -10.38 -18.18
CA GLY A 76 6.32 -11.19 -19.35
C GLY A 76 5.51 -12.47 -19.41
N THR A 77 4.39 -12.52 -18.70
CA THR A 77 3.58 -13.72 -18.54
C THR A 77 2.16 -13.34 -18.97
N SER A 78 1.18 -14.20 -18.69
CA SER A 78 -0.21 -13.87 -18.96
C SER A 78 -0.80 -12.84 -17.99
N THR A 79 -0.11 -12.52 -16.88
CA THR A 79 -0.65 -11.54 -15.95
C THR A 79 -0.65 -10.16 -16.61
N ARG A 80 -1.82 -9.57 -16.72
CA ARG A 80 -1.93 -8.29 -17.40
C ARG A 80 -1.81 -7.12 -16.43
N THR A 81 -1.63 -5.94 -17.00
CA THR A 81 -1.77 -4.66 -16.32
C THR A 81 -3.19 -4.11 -16.48
N VAL A 82 -3.69 -3.41 -15.45
CA VAL A 82 -5.03 -2.81 -15.47
C VAL A 82 -4.97 -1.32 -15.15
N VAL A 83 -6.01 -0.63 -15.59
CA VAL A 83 -6.26 0.77 -15.24
C VAL A 83 -7.57 0.83 -14.47
N VAL A 84 -7.57 1.58 -13.40
CA VAL A 84 -8.71 1.68 -12.51
C VAL A 84 -8.94 3.15 -12.26
N ARG A 85 -10.17 3.59 -12.49
CA ARG A 85 -10.62 4.89 -12.00
C ARG A 85 -11.32 4.68 -10.67
N ASN A 86 -10.89 5.42 -9.64
CA ASN A 86 -11.49 5.28 -8.31
C ASN A 86 -12.43 6.46 -8.03
N GLU A 87 -13.06 6.44 -6.84
CA GLU A 87 -14.18 7.34 -6.57
C GLU A 87 -13.77 8.80 -6.56
N LYS A 88 -12.46 9.07 -6.39
CA LYS A 88 -11.91 10.40 -6.28
C LYS A 88 -11.52 10.99 -7.63
N GLY A 89 -11.49 10.19 -8.69
CA GLY A 89 -11.14 10.67 -10.00
C GLY A 89 -9.72 10.33 -10.38
N GLN A 90 -8.98 9.66 -9.51
CA GLN A 90 -7.64 9.23 -9.80
C GLN A 90 -7.70 8.00 -10.68
N LEU A 91 -6.62 7.83 -11.42
CA LEU A 91 -6.34 6.64 -12.21
C LEU A 91 -5.19 5.88 -11.57
N LEU A 92 -5.35 4.56 -11.46
CA LEU A 92 -4.32 3.65 -10.96
C LEU A 92 -3.96 2.66 -12.06
N VAL A 93 -2.66 2.46 -12.27
CA VAL A 93 -2.13 1.51 -13.26
C VAL A 93 -1.18 0.54 -12.57
N ALA A 94 -1.41 -0.75 -12.74
CA ALA A 94 -0.62 -1.74 -11.99
C ALA A 94 -0.88 -3.13 -12.59
N PRO A 95 0.08 -4.05 -12.36
CA PRO A 95 -0.24 -5.46 -12.64
C PRO A 95 -1.52 -5.86 -11.94
N ASN A 96 -2.30 -6.71 -12.60
CA ASN A 96 -3.51 -7.23 -11.98
C ASN A 96 -3.18 -8.46 -11.13
N ASN A 97 -2.43 -8.21 -10.05
CA ASN A 97 -1.91 -9.29 -9.24
C ASN A 97 -2.19 -9.10 -7.76
N GLY A 98 -3.11 -8.21 -7.40
CA GLY A 98 -3.41 -7.91 -6.00
C GLY A 98 -2.71 -6.68 -5.47
N LEU A 99 -1.83 -6.06 -6.26
CA LEU A 99 -1.11 -4.89 -5.78
C LEU A 99 -2.08 -3.78 -5.34
N LEU A 100 -3.26 -3.65 -5.96
CA LEU A 100 -4.15 -2.54 -5.67
C LEU A 100 -5.21 -2.83 -4.62
N THR A 101 -5.15 -3.98 -3.97
CA THR A 101 -6.18 -4.41 -3.02
C THR A 101 -6.52 -3.31 -2.03
N TRP A 102 -5.49 -2.80 -1.33
CA TRP A 102 -5.78 -1.88 -0.23
C TRP A 102 -6.08 -0.47 -0.73
N ALA A 103 -5.40 0.00 -1.78
CA ALA A 103 -5.74 1.31 -2.32
C ALA A 103 -7.20 1.39 -2.71
N LEU A 104 -7.73 0.29 -3.22
CA LEU A 104 -9.13 0.27 -3.61
C LEU A 104 -10.07 0.01 -2.45
N LYS A 105 -9.63 -0.71 -1.41
CA LYS A 105 -10.44 -0.73 -0.18
C LYS A 105 -10.64 0.70 0.32
N ALA A 106 -9.55 1.48 0.31
CA ALA A 106 -9.56 2.82 0.86
C ALA A 106 -10.42 3.75 0.02
N VAL A 107 -10.24 3.69 -1.31
CA VAL A 107 -11.00 4.57 -2.21
C VAL A 107 -11.49 3.73 -3.37
N PRO A 108 -12.73 3.25 -3.35
CA PRO A 108 -13.09 2.11 -4.22
C PRO A 108 -13.07 2.40 -5.71
N ALA A 109 -12.86 1.35 -6.50
CA ALA A 109 -12.90 1.43 -7.95
C ALA A 109 -14.33 1.61 -8.47
N VAL A 110 -14.49 2.52 -9.44
CA VAL A 110 -15.77 2.74 -10.10
C VAL A 110 -15.81 2.16 -11.51
N GLU A 111 -14.66 2.10 -12.18
CA GLU A 111 -14.53 1.51 -13.50
C GLU A 111 -13.13 0.93 -13.59
N ALA A 112 -12.94 -0.02 -14.50
CA ALA A 112 -11.61 -0.57 -14.74
C ALA A 112 -11.44 -0.96 -16.20
N TRP A 113 -10.18 -1.10 -16.62
CA TRP A 113 -9.87 -1.58 -17.95
C TRP A 113 -8.60 -2.43 -17.97
N GLU A 114 -8.55 -3.40 -18.90
CA GLU A 114 -7.34 -4.17 -19.15
C GLU A 114 -6.47 -3.40 -20.15
N VAL A 115 -5.16 -3.43 -19.96
CA VAL A 115 -4.25 -2.71 -20.84
C VAL A 115 -3.87 -3.67 -21.97
N THR A 116 -4.40 -3.42 -23.15
CA THR A 116 -4.07 -4.25 -24.31
C THR A 116 -3.57 -3.45 -25.49
N SER A 117 -3.85 -2.15 -25.55
CA SER A 117 -3.50 -1.41 -26.73
C SER A 117 -2.01 -1.11 -26.75
N PRO A 118 -1.29 -1.48 -27.80
CA PRO A 118 0.14 -1.14 -27.87
C PRO A 118 0.39 0.34 -27.89
N ASP A 119 -0.60 1.15 -28.25
CA ASP A 119 -0.32 2.58 -28.36
C ASP A 119 -0.07 3.22 -27.00
N VAL A 120 -0.26 2.50 -25.90
CA VAL A 120 0.09 3.00 -24.56
C VAL A 120 1.25 2.22 -23.95
N MET A 121 1.95 1.43 -24.73
CA MET A 121 3.06 0.59 -24.32
C MET A 121 4.34 1.16 -24.92
N ASN A 122 5.47 0.88 -24.30
CA ASN A 122 6.77 1.27 -24.86
C ASN A 122 7.29 0.06 -25.63
N GLN A 123 7.09 0.08 -26.96
CA GLN A 123 7.49 -1.08 -27.75
C GLN A 123 8.92 -0.87 -28.27
N PRO A 124 9.68 -1.95 -28.48
CA PRO A 124 9.39 -3.36 -28.20
C PRO A 124 9.39 -3.64 -26.68
N VAL A 125 8.26 -4.10 -26.13
CA VAL A 125 8.18 -4.36 -24.69
C VAL A 125 9.19 -5.42 -24.32
N THR A 126 10.01 -5.15 -23.25
CA THR A 126 10.95 -6.20 -22.86
C THR A 126 10.33 -7.13 -21.81
N PRO A 127 10.51 -8.44 -22.01
CA PRO A 127 9.70 -9.42 -21.23
C PRO A 127 9.96 -9.36 -19.72
N THR A 128 11.15 -8.99 -19.31
CA THR A 128 11.48 -8.93 -17.89
C THR A 128 11.21 -7.56 -17.31
N TRP A 129 10.73 -6.57 -18.10
CA TRP A 129 10.36 -5.31 -17.50
C TRP A 129 9.10 -4.73 -18.11
N TYR A 130 7.98 -5.43 -17.83
CA TYR A 130 6.66 -4.87 -18.03
C TYR A 130 6.39 -3.73 -17.09
N GLY A 131 7.04 -3.74 -15.93
CA GLY A 131 6.90 -2.60 -15.02
C GLY A 131 7.15 -1.27 -15.72
N LYS A 132 8.24 -1.18 -16.46
CA LYS A 132 8.52 0.04 -17.19
C LYS A 132 7.72 0.14 -18.48
N ASP A 133 7.72 -0.93 -19.28
CA ASP A 133 7.21 -0.85 -20.66
C ASP A 133 5.69 -0.98 -20.80
N VAL A 134 4.99 -1.47 -19.78
CA VAL A 134 3.52 -1.45 -19.80
C VAL A 134 2.96 -0.55 -18.71
N VAL A 135 3.39 -0.72 -17.47
CA VAL A 135 2.77 0.03 -16.37
C VAL A 135 3.16 1.50 -16.42
N VAL A 136 4.47 1.78 -16.41
CA VAL A 136 4.90 3.18 -16.40
C VAL A 136 4.50 3.86 -17.71
N ALA A 137 4.77 3.18 -18.82
CA ALA A 137 4.40 3.72 -20.12
C ALA A 137 2.93 4.09 -20.18
N CYS A 138 2.04 3.19 -19.77
CA CYS A 138 0.61 3.50 -19.78
C CYS A 138 0.28 4.63 -18.80
N GLY A 139 0.91 4.65 -17.62
CA GLY A 139 0.65 5.74 -16.69
C GLY A 139 0.98 7.11 -17.26
N ALA A 140 2.06 7.17 -18.03
CA ALA A 140 2.48 8.42 -18.64
C ALA A 140 1.53 8.84 -19.75
N HIS A 141 1.03 7.89 -20.54
CA HIS A 141 0.02 8.25 -21.53
C HIS A 141 -1.25 8.77 -20.88
N LEU A 142 -1.70 8.12 -19.80
CA LEU A 142 -2.84 8.66 -19.05
C LEU A 142 -2.54 10.07 -18.54
N ALA A 143 -1.31 10.31 -18.06
CA ALA A 143 -0.97 11.64 -17.56
C ALA A 143 -0.95 12.66 -18.69
N ALA A 144 -0.53 12.23 -19.87
CA ALA A 144 -0.49 13.10 -21.04
C ALA A 144 -1.87 13.36 -21.65
N GLY A 145 -2.93 12.70 -21.17
CA GLY A 145 -4.28 12.96 -21.62
C GLY A 145 -4.95 11.81 -22.35
N VAL A 146 -4.27 10.71 -22.68
CA VAL A 146 -4.94 9.56 -23.26
C VAL A 146 -6.09 9.11 -22.36
N ALA A 147 -7.21 8.76 -22.99
CA ALA A 147 -8.39 8.39 -22.23
C ALA A 147 -8.24 6.97 -21.70
N PRO A 148 -8.64 6.72 -20.44
CA PRO A 148 -8.54 5.35 -19.90
C PRO A 148 -9.20 4.30 -20.77
N SER A 149 -10.39 4.58 -21.32
CA SER A 149 -11.06 3.59 -22.17
C SER A 149 -10.24 3.24 -23.42
N ALA A 150 -9.26 4.06 -23.76
CA ALA A 150 -8.47 3.75 -24.95
C ALA A 150 -7.33 2.78 -24.67
N VAL A 151 -7.18 2.29 -23.42
CA VAL A 151 -6.08 1.38 -23.10
C VAL A 151 -6.40 -0.07 -23.44
N GLY A 152 -7.67 -0.42 -23.49
CA GLY A 152 -8.09 -1.76 -23.81
C GLY A 152 -9.50 -1.98 -23.35
N PRO A 153 -9.90 -3.24 -23.25
CA PRO A 153 -11.29 -3.53 -22.91
C PRO A 153 -11.65 -3.16 -21.47
N LYS A 154 -12.89 -2.70 -21.29
CA LYS A 154 -13.43 -2.56 -19.95
C LYS A 154 -13.43 -3.92 -19.27
N ILE A 155 -13.41 -3.92 -17.94
CA ILE A 155 -13.56 -5.15 -17.17
C ILE A 155 -14.34 -4.82 -15.91
N ASP A 156 -15.17 -5.75 -15.47
CA ASP A 156 -15.97 -5.53 -14.28
C ASP A 156 -15.05 -5.31 -13.09
N VAL A 157 -15.35 -4.30 -12.27
CA VAL A 157 -14.57 -4.10 -11.06
C VAL A 157 -14.36 -5.43 -10.33
N ALA A 158 -15.32 -6.35 -10.47
CA ALA A 158 -15.28 -7.61 -9.75
C ALA A 158 -14.14 -8.52 -10.20
N LYS A 159 -13.56 -8.32 -11.38
CA LYS A 159 -12.48 -9.18 -11.83
C LYS A 159 -11.07 -8.66 -11.48
N LEU A 160 -10.97 -7.56 -10.73
CA LEU A 160 -9.68 -7.10 -10.25
C LEU A 160 -9.19 -8.06 -9.17
N VAL A 161 -7.98 -8.59 -9.35
CA VAL A 161 -7.43 -9.55 -8.41
C VAL A 161 -7.15 -8.88 -7.07
N THR A 162 -7.45 -9.59 -5.98
CA THR A 162 -7.26 -9.07 -4.63
C THR A 162 -6.50 -10.11 -3.81
N LEU A 163 -5.78 -9.65 -2.93
CA LEU A 163 -5.15 -10.58 -2.03
C LEU A 163 -6.02 -10.71 -0.77
N PRO A 164 -5.89 -11.82 -0.06
CA PRO A 164 -6.75 -12.03 1.12
C PRO A 164 -6.34 -11.10 2.24
N THR A 165 -7.36 -10.56 2.95
CA THR A 165 -7.15 -9.74 4.14
C THR A 165 -7.84 -10.35 5.35
N THR A 166 -7.09 -10.46 6.45
CA THR A 166 -7.58 -11.06 7.69
C THR A 166 -8.35 -10.01 8.49
N PRO A 167 -9.66 -10.18 8.67
CA PRO A 167 -10.38 -9.23 9.54
C PRO A 167 -9.96 -9.41 10.99
N ALA A 168 -10.03 -8.31 11.74
CA ALA A 168 -10.00 -8.41 13.20
C ALA A 168 -11.34 -8.99 13.67
N VAL A 169 -11.27 -9.92 14.62
CA VAL A 169 -12.47 -10.60 15.12
C VAL A 169 -12.62 -10.33 16.62
N GLN A 170 -13.78 -9.78 17.00
CA GLN A 170 -14.17 -9.67 18.41
C GLN A 170 -14.47 -11.04 18.96
N LEU A 171 -13.84 -11.40 20.08
CA LEU A 171 -13.87 -12.80 20.50
C LEU A 171 -15.06 -13.17 21.37
N GLY A 172 -15.67 -12.20 22.08
CA GLY A 172 -16.87 -12.48 22.85
C GLY A 172 -16.87 -11.85 24.23
N ASP A 173 -15.68 -11.74 24.82
CA ASP A 173 -15.54 -11.11 26.12
C ASP A 173 -15.25 -9.62 26.03
N GLY A 174 -14.72 -9.15 24.90
CA GLY A 174 -14.38 -7.75 24.73
C GLY A 174 -12.99 -7.55 24.13
N SER A 175 -12.19 -8.62 24.15
CA SER A 175 -10.90 -8.63 23.49
C SER A 175 -11.07 -8.93 22.00
N VAL A 176 -10.09 -8.46 21.22
CA VAL A 176 -10.12 -8.57 19.77
C VAL A 176 -8.88 -9.32 19.33
N ARG A 177 -9.09 -10.41 18.59
CA ARG A 177 -8.01 -11.15 17.96
C ARG A 177 -7.76 -10.54 16.58
N GLY A 178 -6.54 -10.12 16.33
CA GLY A 178 -6.23 -9.46 15.08
C GLY A 178 -4.89 -9.90 14.53
N GLU A 179 -4.17 -8.98 13.91
CA GLU A 179 -2.95 -9.33 13.19
C GLU A 179 -2.06 -8.09 13.03
N VAL A 180 -0.76 -8.28 13.18
CA VAL A 180 0.22 -7.24 12.83
C VAL A 180 0.20 -7.11 11.31
N VAL A 181 -0.30 -5.98 10.83
CA VAL A 181 -0.34 -5.73 9.39
C VAL A 181 1.05 -5.38 8.87
N ARG A 182 1.72 -4.45 9.54
CA ARG A 182 3.04 -4.05 9.07
C ARG A 182 3.83 -3.49 10.23
N ILE A 183 5.14 -3.48 10.04
CA ILE A 183 6.05 -2.77 10.92
C ILE A 183 6.36 -1.42 10.28
N ASP A 184 6.33 -0.39 11.12
CA ASP A 184 6.72 0.98 10.76
C ASP A 184 8.23 1.01 10.93
N LYS A 185 8.94 0.62 9.86
CA LYS A 185 10.30 0.10 9.97
C LYS A 185 11.31 1.13 10.44
N ALA A 186 11.10 2.42 10.14
CA ALA A 186 12.04 3.43 10.58
C ALA A 186 12.14 3.48 12.09
N PHE A 187 11.06 3.11 12.78
CA PHE A 187 10.97 3.33 14.21
C PHE A 187 10.73 2.07 15.02
N GLY A 188 10.26 0.99 14.39
CA GLY A 188 9.89 -0.17 15.15
C GLY A 188 8.51 -0.13 15.77
N ASN A 189 7.63 0.78 15.35
CA ASN A 189 6.24 0.73 15.79
C ASN A 189 5.53 -0.43 15.11
N VAL A 190 4.52 -0.97 15.79
CA VAL A 190 3.80 -2.15 15.31
C VAL A 190 2.37 -1.74 14.99
N TRP A 191 1.94 -1.97 13.76
CA TRP A 191 0.64 -1.53 13.28
C TRP A 191 -0.24 -2.75 13.15
N THR A 192 -1.41 -2.75 13.84
CA THR A 192 -2.33 -3.87 13.77
C THR A 192 -3.50 -3.55 12.84
N ASN A 193 -4.39 -4.53 12.68
CA ASN A 193 -5.63 -4.30 11.94
C ASN A 193 -6.82 -4.07 12.88
N ILE A 194 -6.55 -3.89 14.17
CA ILE A 194 -7.60 -3.72 15.17
C ILE A 194 -8.03 -2.27 15.22
N SER A 195 -9.33 -2.03 15.02
CA SER A 195 -9.88 -0.70 15.05
C SER A 195 -10.11 -0.26 16.49
N LEU A 196 -10.02 1.04 16.72
CA LEU A 196 -10.25 1.54 18.06
C LEU A 196 -11.70 1.32 18.47
N ASP A 197 -12.63 1.61 17.57
CA ASP A 197 -14.06 1.44 17.83
C ASP A 197 -14.40 -0.03 18.04
N ALA A 198 -13.42 -0.92 17.86
CA ALA A 198 -13.60 -2.34 18.13
C ALA A 198 -13.26 -2.71 19.57
N LEU A 199 -12.44 -1.90 20.24
CA LEU A 199 -12.23 -2.03 21.67
C LEU A 199 -13.25 -1.22 22.47
N SER A 200 -14.06 -0.40 21.79
CA SER A 200 -15.20 0.29 22.37
C SER A 200 -14.84 1.54 23.15
N GLY A 207 -8.34 7.34 28.76
CA GLY A 207 -7.12 6.96 29.46
C GLY A 207 -7.24 5.68 30.27
N LYS A 208 -7.45 4.58 29.57
CA LYS A 208 -7.60 3.24 30.13
C LYS A 208 -6.34 2.43 29.88
N THR A 209 -6.25 1.26 30.47
CA THR A 209 -5.15 0.33 30.22
C THR A 209 -5.67 -0.88 29.43
N LEU A 210 -4.74 -1.58 28.78
CA LEU A 210 -5.11 -2.75 28.00
C LEU A 210 -4.10 -3.89 28.19
N GLN A 211 -4.63 -5.11 28.11
CA GLN A 211 -3.84 -6.33 28.02
C GLN A 211 -3.62 -6.65 26.55
N VAL A 212 -2.38 -6.88 26.16
CA VAL A 212 -2.06 -7.24 24.79
C VAL A 212 -1.38 -8.61 24.80
N THR A 213 -1.83 -9.50 23.94
CA THR A 213 -1.37 -10.88 23.95
C THR A 213 -0.86 -11.28 22.57
N ALA A 214 0.32 -11.88 22.55
CA ALA A 214 0.83 -12.53 21.35
C ALA A 214 1.64 -13.74 21.78
N GLU A 215 2.13 -14.49 20.80
CA GLU A 215 2.85 -15.72 21.10
C GLU A 215 4.01 -15.45 22.06
N GLY A 216 4.79 -14.42 21.78
CA GLY A 216 5.94 -14.14 22.62
C GLY A 216 5.56 -13.79 24.05
N LEU A 217 4.52 -12.99 24.23
CA LEU A 217 4.32 -12.48 25.58
C LEU A 217 2.92 -11.92 25.80
N SER A 218 2.68 -11.58 27.07
CA SER A 218 1.48 -10.92 27.56
C SER A 218 1.95 -9.77 28.42
N VAL A 219 1.66 -8.53 28.00
CA VAL A 219 1.99 -7.39 28.83
C VAL A 219 0.80 -6.45 28.93
N GLU A 220 0.81 -5.68 30.00
CA GLU A 220 -0.17 -4.64 30.28
C GLU A 220 0.39 -3.31 29.78
N ILE A 221 -0.37 -2.61 28.95
CA ILE A 221 0.12 -1.39 28.32
C ILE A 221 -0.97 -0.34 28.30
N PRO A 222 -0.68 0.89 28.72
CA PRO A 222 -1.70 1.94 28.71
C PRO A 222 -1.90 2.52 27.32
N TYR A 223 -3.03 3.18 27.19
CA TYR A 223 -3.41 3.82 25.95
C TYR A 223 -3.21 5.32 26.06
N TYR A 224 -2.59 5.89 25.03
CA TYR A 224 -2.44 7.33 24.94
C TYR A 224 -2.53 7.74 23.48
N ALA A 225 -2.71 9.05 23.25
CA ALA A 225 -2.84 9.58 21.92
C ALA A 225 -1.50 9.75 21.21
N THR A 226 -0.38 9.86 21.91
CA THR A 226 0.90 10.09 21.21
C THR A 226 2.08 9.67 22.08
N PHE A 227 3.25 9.50 21.40
CA PHE A 227 4.40 8.85 22.02
C PHE A 227 4.82 9.57 23.28
N GLY A 228 4.77 10.88 23.27
CA GLY A 228 5.28 11.73 24.32
C GLY A 228 4.46 11.71 25.61
N GLU A 229 3.32 11.01 25.63
CA GLU A 229 2.51 10.91 26.82
C GLU A 229 2.94 9.76 27.73
N VAL A 230 4.01 9.06 27.39
CA VAL A 230 4.62 8.03 28.20
C VAL A 230 6.10 8.44 28.31
N PRO A 231 6.81 8.05 29.37
CA PRO A 231 8.24 8.39 29.46
C PRO A 231 9.06 7.68 28.41
N ILE A 232 10.22 8.28 28.10
CA ILE A 232 11.13 7.70 27.13
C ILE A 232 11.39 6.25 27.48
N GLY A 233 11.28 5.37 26.48
CA GLY A 233 11.55 3.96 26.63
C GLY A 233 10.36 3.12 27.03
N GLU A 234 9.24 3.73 27.39
CA GLU A 234 8.13 2.93 27.90
C GLU A 234 7.03 2.79 26.84
N PRO A 235 6.23 1.72 26.93
CA PRO A 235 5.31 1.37 25.85
C PRO A 235 3.96 2.08 25.97
N LEU A 236 3.28 2.14 24.83
CA LEU A 236 1.95 2.71 24.75
C LEU A 236 1.22 1.97 23.63
N VAL A 237 -0.08 1.90 23.77
CA VAL A 237 -0.98 1.56 22.68
C VAL A 237 -1.57 2.89 22.24
N TYR A 238 -1.68 3.08 20.95
CA TYR A 238 -2.19 4.33 20.42
C TYR A 238 -2.97 4.06 19.15
N ASN A 239 -3.65 5.09 18.68
CA ASN A 239 -4.30 5.11 17.38
C ASN A 239 -3.32 5.70 16.39
N ASN A 240 -2.94 4.94 15.36
CA ASN A 240 -1.92 5.46 14.46
C ASN A 240 -2.54 6.39 13.43
N SER A 241 -1.68 7.01 12.62
CA SER A 241 -2.13 8.04 11.68
C SER A 241 -3.15 7.52 10.67
N ARG A 242 -3.28 6.20 10.50
CA ARG A 242 -4.16 5.62 9.49
C ARG A 242 -5.39 4.93 10.12
N GLY A 243 -5.68 5.21 11.39
CA GLY A 243 -6.92 4.80 12.01
C GLY A 243 -6.90 3.49 12.78
N LYS A 244 -5.76 2.81 12.86
CA LYS A 244 -5.73 1.51 13.49
C LYS A 244 -4.86 1.51 14.76
N VAL A 245 -5.11 0.49 15.59
CA VAL A 245 -4.38 0.35 16.84
C VAL A 245 -2.92 -0.02 16.57
N ALA A 246 -2.01 0.66 17.25
CA ALA A 246 -0.58 0.48 17.07
C ALA A 246 0.07 0.31 18.43
N LEU A 247 1.26 -0.30 18.43
CA LEU A 247 2.05 -0.50 19.63
C LEU A 247 3.41 0.15 19.43
N GLY A 248 3.83 0.96 20.41
CA GLY A 248 5.16 1.53 20.33
C GLY A 248 5.81 1.74 21.68
N LEU A 249 7.05 2.21 21.60
CA LEU A 249 7.81 2.72 22.73
C LEU A 249 8.18 4.18 22.45
N ASN A 250 8.05 5.04 23.45
CA ASN A 250 8.46 6.43 23.28
C ASN A 250 9.95 6.49 22.97
N GLN A 251 10.27 6.87 21.72
CA GLN A 251 11.66 7.01 21.28
C GLN A 251 12.41 5.69 21.49
N GLY A 252 11.73 4.58 21.15
CA GLY A 252 12.34 3.28 21.08
C GLY A 252 11.65 2.41 20.05
N SER A 253 12.15 1.18 19.92
CA SER A 253 11.65 0.25 18.91
C SER A 253 10.86 -0.86 19.59
N PHE A 254 9.53 -0.79 19.48
CA PHE A 254 8.71 -1.88 20.01
C PHE A 254 9.01 -3.19 19.31
N LEU A 255 9.38 -3.14 18.03
CA LEU A 255 9.77 -4.35 17.31
C LEU A 255 10.95 -5.04 18.01
N GLU A 256 12.04 -4.31 18.19
CA GLU A 256 13.23 -4.95 18.72
C GLU A 256 13.01 -5.44 20.15
N ARG A 257 12.23 -4.72 20.96
CA ARG A 257 12.13 -5.12 22.37
C ARG A 257 11.29 -6.37 22.52
N TYR A 258 10.14 -6.45 21.86
CA TYR A 258 9.22 -7.56 22.01
C TYR A 258 9.27 -8.54 20.83
N GLY A 259 10.07 -8.26 19.81
CA GLY A 259 10.29 -9.22 18.75
C GLY A 259 9.09 -9.53 17.90
N VAL A 260 8.06 -8.68 17.97
CA VAL A 260 6.87 -8.87 17.15
C VAL A 260 7.22 -8.89 15.67
N ALA A 261 6.35 -9.50 14.87
CA ALA A 261 6.58 -9.51 13.44
C ALA A 261 5.29 -9.31 12.68
N ALA A 262 5.45 -8.81 11.45
CA ALA A 262 4.33 -8.71 10.53
C ALA A 262 3.69 -10.07 10.33
N GLY A 263 2.36 -10.11 10.40
CA GLY A 263 1.62 -11.34 10.22
C GLY A 263 1.36 -12.10 11.49
N ASP A 264 2.02 -11.74 12.59
CA ASP A 264 1.74 -12.37 13.87
C ASP A 264 0.33 -12.02 14.34
N THR A 265 -0.45 -13.05 14.66
CA THR A 265 -1.71 -12.83 15.34
C THR A 265 -1.42 -12.13 16.65
N VAL A 266 -2.21 -11.11 16.97
CA VAL A 266 -2.13 -10.38 18.22
C VAL A 266 -3.55 -10.22 18.75
N THR A 267 -3.71 -10.33 20.07
CA THR A 267 -5.00 -10.22 20.73
C THR A 267 -4.94 -9.10 21.76
N ILE A 268 -5.91 -8.19 21.72
CA ILE A 268 -5.90 -7.02 22.58
C ILE A 268 -7.26 -6.84 23.24
N GLY A 269 -7.24 -6.47 24.52
CA GLY A 269 -8.47 -6.22 25.25
C GLY A 269 -8.26 -5.40 26.50
N LEU A 270 -9.37 -4.98 27.09
CA LEU A 270 -9.35 -3.99 28.15
C LEU A 270 -8.72 -4.53 29.43
N VAL A 271 -8.34 -3.59 30.29
CA VAL A 271 -7.74 -3.84 31.60
C VAL A 271 -6.93 -5.13 31.65
#